data_4DRQ
#
_entry.id   4DRQ
#
_cell.length_a   41.966
_cell.length_b   54.641
_cell.length_c   56.596
_cell.angle_alpha   90.000
_cell.angle_beta   90.000
_cell.angle_gamma   90.000
#
_symmetry.space_group_name_H-M   'P 21 21 21'
#
loop_
_entity.id
_entity.type
_entity.pdbx_description
1 polymer 'Peptidyl-prolyl cis-trans isomerase FKBP5'
2 non-polymer '{3-[(1S)-1-[({(2S)-1-[(3,5-dichlorophenyl)sulfonyl]piperidin-2-yl}carbonyl)oxy]-3-(3,4-dimethoxyphenyl)propyl]phenoxy}acetic acid'
3 water water
#
_entity_poly.entity_id   1
_entity_poly.type   'polypeptide(L)'
_entity_poly.pdbx_seq_one_letter_code
;GAPATVTEQGEDITSKKDRGVLKIVKRVGNGEETPMIGDKVYVHYKGKLSNGKKFDSSHDRNEPFVFSLGKGQVIKAWDI
GVATMKKGEICHLLCKPEYAYGSAGSLPKIPSNATLFFEIELLDFKGE
;
_entity_poly.pdbx_strand_id   A
#
loop_
_chem_comp.id
_chem_comp.type
_chem_comp.name
_chem_comp.formula
0OS non-polymer '{3-[(1S)-1-[({(2S)-1-[(3,5-dichlorophenyl)sulfonyl]piperidin-2-yl}carbonyl)oxy]-3-(3,4-dimethoxyphenyl)propyl]phenoxy}acetic acid' 'C31 H33 Cl2 N O9 S'
#
# COMPACT_ATOMS: atom_id res chain seq x y z
N GLY A 1 13.24 -2.11 -12.74
CA GLY A 1 12.97 -2.92 -11.52
C GLY A 1 11.48 -2.90 -11.22
N ALA A 2 11.10 -3.39 -10.06
CA ALA A 2 9.70 -3.49 -9.73
C ALA A 2 8.97 -2.13 -9.77
N PRO A 3 9.54 -1.04 -9.25
CA PRO A 3 8.83 0.24 -9.36
C PRO A 3 8.54 0.68 -10.80
N ALA A 4 9.52 0.52 -11.68
CA ALA A 4 9.31 0.83 -13.09
C ALA A 4 8.19 -0.04 -13.66
N THR A 5 8.21 -1.34 -13.31
CA THR A 5 7.24 -2.25 -13.87
C THR A 5 5.81 -1.90 -13.45
N VAL A 6 5.58 -1.57 -12.17
CA VAL A 6 4.22 -1.19 -11.79
C VAL A 6 3.85 0.17 -12.42
N THR A 7 4.82 1.06 -12.59
CA THR A 7 4.55 2.34 -13.24
C THR A 7 4.05 2.10 -14.68
N GLU A 8 4.71 1.20 -15.40
CA GLU A 8 4.47 1.02 -16.83
C GLU A 8 3.43 -0.04 -17.14
N GLN A 9 3.18 -0.95 -16.21
CA GLN A 9 2.36 -2.14 -16.47
C GLN A 9 1.26 -2.33 -15.42
N GLY A 10 1.12 -1.42 -14.46
CA GLY A 10 0.13 -1.56 -13.42
C GLY A 10 -1.27 -1.16 -13.85
N GLU A 11 -2.24 -1.58 -13.05
CA GLU A 11 -3.65 -1.27 -13.25
C GLU A 11 -4.03 -0.06 -12.43
N ASP A 12 -4.73 0.90 -13.03
CA ASP A 12 -5.26 2.04 -12.31
C ASP A 12 -6.46 1.58 -11.48
N ILE A 13 -6.35 1.63 -10.15
CA ILE A 13 -7.41 1.20 -9.24
C ILE A 13 -8.14 2.38 -8.61
N THR A 14 -7.90 3.60 -9.10
CA THR A 14 -8.63 4.76 -8.58
C THR A 14 -10.04 4.81 -9.17
N SER A 15 -10.99 5.29 -8.36
CA SER A 15 -12.32 5.56 -8.86
C SER A 15 -12.32 6.68 -9.90
N LYS A 16 -11.44 7.65 -9.72
CA LYS A 16 -11.34 8.78 -10.65
C LYS A 16 -10.67 8.43 -11.97
N LYS A 17 -9.96 7.30 -12.03
CA LYS A 17 -9.20 6.91 -13.22
C LYS A 17 -8.17 7.98 -13.57
N ASP A 18 -7.47 8.46 -12.56
CA ASP A 18 -6.48 9.51 -12.74
C ASP A 18 -5.06 8.97 -12.63
N ARG A 19 -4.94 7.63 -12.62
CA ARG A 19 -3.66 6.91 -12.57
C ARG A 19 -2.84 7.25 -11.29
N GLY A 20 -3.52 7.67 -10.24
CA GLY A 20 -2.85 8.05 -9.01
C GLY A 20 -2.41 6.89 -8.14
N VAL A 21 -3.03 5.72 -8.33
CA VAL A 21 -2.70 4.50 -7.60
C VAL A 21 -2.73 3.37 -8.62
N LEU A 22 -1.55 2.77 -8.86
CA LEU A 22 -1.40 1.67 -9.80
C LEU A 22 -1.02 0.41 -9.02
N LYS A 23 -1.52 -0.73 -9.49
CA LYS A 23 -1.37 -1.98 -8.76
C LYS A 23 -0.97 -3.12 -9.68
N ILE A 24 -0.10 -4.01 -9.18
CA ILE A 24 0.12 -5.34 -9.76
C ILE A 24 -0.05 -6.36 -8.63
N VAL A 25 -0.85 -7.39 -8.89
CA VAL A 25 -0.95 -8.53 -7.97
C VAL A 25 0.26 -9.44 -8.23
N LYS A 26 1.11 -9.62 -7.21
CA LYS A 26 2.32 -10.43 -7.28
C LYS A 26 2.13 -11.86 -6.80
N ARG A 27 1.43 -12.05 -5.67
N ARG A 27 1.30 -12.05 -5.77
CA ARG A 27 1.00 -13.38 -5.24
CA ARG A 27 1.06 -13.36 -5.19
C ARG A 27 -0.49 -13.35 -5.08
C ARG A 27 -0.46 -13.40 -5.00
N VAL A 28 -1.13 -14.29 -5.73
CA VAL A 28 -2.56 -14.38 -5.68
C VAL A 28 -3.00 -14.90 -4.29
N GLY A 29 -4.01 -14.23 -3.70
CA GLY A 29 -4.52 -14.62 -2.39
C GLY A 29 -5.68 -15.60 -2.45
N ASN A 30 -6.40 -15.73 -1.34
CA ASN A 30 -7.38 -16.79 -1.12
C ASN A 30 -8.80 -16.37 -1.49
N GLY A 31 -9.42 -17.14 -2.37
CA GLY A 31 -10.80 -16.92 -2.71
C GLY A 31 -11.09 -15.59 -3.33
N GLU A 32 -12.26 -15.07 -2.97
CA GLU A 32 -12.76 -13.88 -3.58
C GLU A 32 -12.97 -12.73 -2.60
N GLU A 33 -12.96 -12.97 -1.30
N GLU A 33 -12.97 -12.96 -1.30
CA GLU A 33 -13.37 -11.91 -0.36
CA GLU A 33 -13.38 -11.90 -0.39
C GLU A 33 -12.24 -10.91 -0.12
C GLU A 33 -12.26 -10.91 -0.08
N THR A 34 -12.60 -9.64 -0.07
CA THR A 34 -11.71 -8.56 0.30
C THR A 34 -12.25 -7.95 1.60
N PRO A 35 -11.43 -7.21 2.34
CA PRO A 35 -11.89 -6.65 3.60
C PRO A 35 -13.00 -5.63 3.38
N MET A 36 -13.73 -5.34 4.43
N MET A 36 -13.72 -5.39 4.48
CA MET A 36 -14.68 -4.24 4.34
CA MET A 36 -14.83 -4.43 4.57
C MET A 36 -14.28 -3.11 5.24
C MET A 36 -14.34 -3.16 5.30
N ILE A 37 -14.91 -1.99 4.96
CA ILE A 37 -14.66 -0.77 5.67
C ILE A 37 -14.78 -1.02 7.17
N GLY A 38 -13.80 -0.52 7.91
CA GLY A 38 -13.79 -0.68 9.34
C GLY A 38 -13.12 -1.93 9.82
N ASP A 39 -12.78 -2.87 8.95
CA ASP A 39 -12.11 -4.08 9.41
C ASP A 39 -10.72 -3.74 9.93
N LYS A 40 -10.29 -4.52 10.92
CA LYS A 40 -8.91 -4.50 11.36
C LYS A 40 -8.11 -5.32 10.39
N VAL A 41 -7.15 -4.69 9.71
N VAL A 41 -7.11 -4.68 9.78
CA VAL A 41 -6.32 -5.37 8.72
CA VAL A 41 -6.31 -5.29 8.73
C VAL A 41 -4.90 -5.45 9.26
C VAL A 41 -4.87 -5.41 9.21
N TYR A 42 -4.25 -6.56 8.95
CA TYR A 42 -2.89 -6.87 9.36
C TYR A 42 -2.08 -7.00 8.09
N VAL A 43 -1.04 -6.20 7.94
CA VAL A 43 -0.23 -6.25 6.73
C VAL A 43 1.25 -6.26 7.07
N HIS A 44 2.02 -6.85 6.17
CA HIS A 44 3.45 -6.61 6.11
C HIS A 44 3.75 -5.79 4.86
N TYR A 45 4.73 -4.90 4.96
CA TYR A 45 5.04 -4.05 3.83
C TYR A 45 6.47 -3.57 3.85
N LYS A 46 6.92 -3.13 2.68
N LYS A 46 6.89 -3.11 2.67
CA LYS A 46 8.11 -2.31 2.58
CA LYS A 46 8.17 -2.44 2.42
C LYS A 46 7.79 -1.16 1.62
C LYS A 46 7.90 -1.20 1.53
N GLY A 47 8.40 -0.02 1.89
CA GLY A 47 8.25 1.16 1.07
C GLY A 47 9.58 1.65 0.55
N LYS A 48 9.55 2.13 -0.69
CA LYS A 48 10.70 2.74 -1.36
C LYS A 48 10.35 4.11 -1.92
N LEU A 49 11.32 5.02 -1.86
CA LEU A 49 11.22 6.31 -2.52
C LEU A 49 11.69 6.18 -3.96
N SER A 50 11.42 7.23 -4.74
N SER A 50 11.37 7.21 -4.75
CA SER A 50 11.78 7.24 -6.14
CA SER A 50 11.75 7.24 -6.16
C SER A 50 13.27 7.46 -6.39
C SER A 50 13.26 7.37 -6.38
N ASN A 51 14.02 7.69 -5.33
CA ASN A 51 15.49 7.69 -5.41
C ASN A 51 16.11 6.32 -5.12
N GLY A 52 15.23 5.32 -5.00
CA GLY A 52 15.69 3.96 -4.85
C GLY A 52 15.87 3.51 -3.41
N LYS A 53 15.74 4.37 -2.46
N LYS A 53 15.71 4.40 -2.45
CA LYS A 53 15.96 3.90 -1.08
CA LYS A 53 15.96 3.96 -1.08
C LYS A 53 14.72 3.40 -0.34
C LYS A 53 14.73 3.40 -0.37
N LYS A 54 14.94 2.30 0.35
CA LYS A 54 13.92 1.75 1.25
C LYS A 54 13.79 2.81 2.33
N PHE A 55 12.56 3.22 2.67
CA PHE A 55 12.32 4.13 3.78
C PHE A 55 11.58 3.50 4.94
N ASP A 56 10.96 2.33 4.76
CA ASP A 56 10.27 1.71 5.87
C ASP A 56 10.05 0.24 5.53
N SER A 57 9.89 -0.56 6.58
CA SER A 57 9.62 -2.00 6.48
C SER A 57 9.07 -2.54 7.78
N SER A 58 7.91 -3.18 7.72
CA SER A 58 7.41 -3.88 8.88
C SER A 58 8.16 -5.18 9.13
N HIS A 59 8.62 -5.82 8.06
N HIS A 59 8.62 -5.85 8.08
CA HIS A 59 9.35 -7.06 8.20
CA HIS A 59 9.37 -7.09 8.28
C HIS A 59 10.56 -6.86 9.13
C HIS A 59 10.57 -6.86 9.17
N ASP A 60 11.24 -5.72 8.98
CA ASP A 60 12.42 -5.42 9.75
C ASP A 60 12.09 -5.18 11.26
N ARG A 61 10.82 -4.93 11.57
CA ARG A 61 10.35 -4.78 12.95
C ARG A 61 9.83 -6.08 13.57
N ASN A 62 9.74 -7.14 12.76
CA ASN A 62 9.22 -8.42 13.23
C ASN A 62 7.79 -8.35 13.75
N GLU A 63 7.00 -7.41 13.24
N GLU A 63 6.99 -7.52 13.14
CA GLU A 63 5.58 -7.25 13.64
CA GLU A 63 5.57 -7.60 13.41
C GLU A 63 4.82 -6.63 12.47
C GLU A 63 4.84 -6.73 12.44
N PRO A 64 3.58 -7.05 12.24
CA PRO A 64 2.80 -6.45 11.18
C PRO A 64 2.32 -5.06 11.56
N PHE A 65 1.90 -4.32 10.54
CA PHE A 65 1.24 -3.05 10.72
C PHE A 65 -0.26 -3.29 10.70
N VAL A 66 -0.97 -2.72 11.67
CA VAL A 66 -2.36 -3.00 11.90
C VAL A 66 -3.12 -1.68 11.86
N PHE A 67 -4.21 -1.64 11.09
CA PHE A 67 -5.02 -0.43 11.04
C PHE A 67 -6.46 -0.79 10.71
N SER A 68 -7.35 0.19 10.88
N SER A 68 -7.34 0.21 10.86
CA SER A 68 -8.75 0.02 10.51
CA SER A 68 -8.75 0.04 10.52
C SER A 68 -8.98 0.57 9.11
C SER A 68 -9.00 0.58 9.11
N LEU A 69 -9.45 -0.30 8.21
CA LEU A 69 -9.54 0.05 6.79
C LEU A 69 -10.59 1.12 6.51
N GLY A 70 -10.25 2.05 5.64
CA GLY A 70 -11.23 3.01 5.13
C GLY A 70 -11.58 4.14 6.05
N LYS A 71 -10.71 4.40 7.02
CA LYS A 71 -10.89 5.42 8.04
C LYS A 71 -9.90 6.56 7.96
N GLY A 72 -9.05 6.61 6.95
CA GLY A 72 -8.06 7.67 6.85
C GLY A 72 -6.97 7.58 7.89
N GLN A 73 -6.73 6.37 8.42
CA GLN A 73 -5.63 6.16 9.36
C GLN A 73 -4.30 6.04 8.67
N VAL A 74 -4.37 5.85 7.35
CA VAL A 74 -3.21 5.68 6.49
C VAL A 74 -3.39 6.57 5.28
N ILE A 75 -2.37 6.69 4.45
CA ILE A 75 -2.49 7.46 3.20
C ILE A 75 -3.61 6.89 2.32
N LYS A 76 -4.17 7.78 1.49
CA LYS A 76 -5.29 7.41 0.66
C LYS A 76 -4.99 6.19 -0.17
N ALA A 77 -3.80 6.12 -0.77
CA ALA A 77 -3.47 5.00 -1.61
C ALA A 77 -3.58 3.66 -0.90
N TRP A 78 -3.27 3.63 0.40
CA TRP A 78 -3.38 2.40 1.17
C TRP A 78 -4.84 2.05 1.46
N ASP A 79 -5.67 3.02 1.84
CA ASP A 79 -7.08 2.70 2.02
C ASP A 79 -7.65 2.14 0.71
N ILE A 80 -7.32 2.75 -0.43
CA ILE A 80 -7.81 2.29 -1.71
C ILE A 80 -7.22 0.93 -2.04
N GLY A 81 -5.90 0.79 -1.93
CA GLY A 81 -5.23 -0.42 -2.39
C GLY A 81 -5.51 -1.64 -1.51
N VAL A 82 -5.41 -1.50 -0.20
CA VAL A 82 -5.63 -2.66 0.66
C VAL A 82 -7.07 -3.15 0.54
N ALA A 83 -8.01 -2.25 0.28
CA ALA A 83 -9.42 -2.65 0.08
C ALA A 83 -9.59 -3.60 -1.11
N THR A 84 -8.67 -3.60 -2.08
CA THR A 84 -8.78 -4.47 -3.22
C THR A 84 -8.16 -5.85 -3.01
N MET A 85 -7.49 -6.08 -1.88
CA MET A 85 -6.67 -7.29 -1.69
C MET A 85 -7.44 -8.42 -1.04
N LYS A 86 -7.09 -9.64 -1.46
N LYS A 86 -7.09 -9.65 -1.43
CA LYS A 86 -7.55 -10.86 -0.82
CA LYS A 86 -7.60 -10.84 -0.78
C LYS A 86 -6.59 -11.28 0.32
C LYS A 86 -6.62 -11.27 0.30
N LYS A 87 -7.10 -12.06 1.26
CA LYS A 87 -6.23 -12.59 2.29
C LYS A 87 -5.10 -13.41 1.65
N GLY A 88 -3.87 -13.19 2.09
CA GLY A 88 -2.72 -13.88 1.54
C GLY A 88 -2.14 -13.25 0.30
N GLU A 89 -2.80 -12.25 -0.28
CA GLU A 89 -2.29 -11.59 -1.45
C GLU A 89 -1.04 -10.77 -1.12
N ILE A 90 -0.13 -10.72 -2.10
CA ILE A 90 0.96 -9.74 -2.11
C ILE A 90 0.79 -8.90 -3.36
N CYS A 91 0.84 -7.58 -3.21
CA CYS A 91 0.78 -6.69 -4.36
C CYS A 91 1.88 -5.64 -4.31
N HIS A 92 2.07 -4.99 -5.46
CA HIS A 92 2.86 -3.77 -5.58
C HIS A 92 1.91 -2.62 -5.86
N LEU A 93 2.12 -1.51 -5.13
N LEU A 93 2.25 -1.48 -5.27
CA LEU A 93 1.34 -0.27 -5.34
CA LEU A 93 1.36 -0.35 -5.22
C LEU A 93 2.29 0.86 -5.62
C LEU A 93 2.17 0.95 -5.49
N LEU A 94 1.93 1.63 -6.63
CA LEU A 94 2.63 2.87 -6.99
C LEU A 94 1.65 4.00 -6.66
N CYS A 95 2.11 4.92 -5.81
CA CYS A 95 1.25 5.92 -5.16
C CYS A 95 1.74 7.31 -5.51
N LYS A 96 1.01 8.03 -6.36
CA LYS A 96 1.36 9.40 -6.68
C LYS A 96 1.10 10.27 -5.45
N PRO A 97 1.77 11.44 -5.37
CA PRO A 97 1.71 12.21 -4.13
C PRO A 97 0.30 12.63 -3.71
N GLU A 98 -0.61 12.82 -4.66
CA GLU A 98 -1.97 13.20 -4.32
C GLU A 98 -2.70 12.12 -3.53
N TYR A 99 -2.18 10.89 -3.55
CA TYR A 99 -2.73 9.78 -2.78
C TYR A 99 -1.77 9.35 -1.67
N ALA A 100 -0.81 10.23 -1.34
CA ALA A 100 0.20 9.94 -0.34
C ALA A 100 0.40 11.23 0.50
N TYR A 101 1.59 11.82 0.48
CA TYR A 101 1.90 12.97 1.35
C TYR A 101 1.94 14.30 0.63
N GLY A 102 1.60 14.35 -0.66
CA GLY A 102 1.38 15.60 -1.32
C GLY A 102 2.60 16.49 -1.33
N SER A 103 2.35 17.79 -1.39
CA SER A 103 3.43 18.76 -1.36
C SER A 103 4.08 18.89 0.01
N ALA A 104 3.37 18.51 1.06
CA ALA A 104 3.94 18.63 2.41
C ALA A 104 5.07 17.66 2.65
N GLY A 105 4.96 16.45 2.09
CA GLY A 105 5.86 15.39 2.48
C GLY A 105 5.64 15.03 3.93
N SER A 106 6.58 14.31 4.50
N SER A 106 6.66 14.45 4.56
CA SER A 106 6.50 13.94 5.90
CA SER A 106 6.65 14.24 6.00
C SER A 106 7.91 13.73 6.40
C SER A 106 8.08 14.12 6.52
N LEU A 107 8.37 14.74 7.14
N LEU A 107 8.49 15.09 7.34
CA LEU A 107 9.73 14.83 7.64
CA LEU A 107 9.83 15.10 7.87
C LEU A 107 9.94 13.84 8.77
C LEU A 107 9.98 13.94 8.86
N PRO A 108 11.15 13.25 8.85
CA PRO A 108 12.31 13.45 7.99
C PRO A 108 12.43 12.64 6.68
N LYS A 109 11.63 11.58 6.48
CA LYS A 109 11.94 10.61 5.43
C LYS A 109 11.35 10.92 4.03
N ILE A 110 10.19 11.56 3.97
CA ILE A 110 9.45 11.63 2.72
C ILE A 110 9.46 13.06 2.18
N PRO A 111 10.09 13.26 1.01
CA PRO A 111 10.16 14.62 0.47
C PRO A 111 8.83 15.13 -0.07
N SER A 112 8.80 16.41 -0.40
CA SER A 112 7.68 16.97 -1.10
C SER A 112 7.46 16.28 -2.45
N ASN A 113 6.19 16.11 -2.82
CA ASN A 113 5.83 15.66 -4.16
C ASN A 113 6.37 14.27 -4.47
N ALA A 114 6.38 13.39 -3.46
CA ALA A 114 7.00 12.07 -3.58
C ALA A 114 6.03 11.01 -4.10
N THR A 115 6.40 10.34 -5.17
CA THR A 115 5.74 9.10 -5.59
C THR A 115 6.36 7.95 -4.80
N LEU A 116 5.50 7.13 -4.19
CA LEU A 116 5.92 6.05 -3.29
C LEU A 116 5.63 4.69 -3.92
N PHE A 117 6.53 3.74 -3.67
CA PHE A 117 6.35 2.35 -4.07
C PHE A 117 6.22 1.50 -2.81
N PHE A 118 5.21 0.62 -2.79
CA PHE A 118 5.08 -0.35 -1.72
C PHE A 118 4.93 -1.76 -2.25
N GLU A 119 5.50 -2.71 -1.50
CA GLU A 119 5.10 -4.11 -1.58
C GLU A 119 4.29 -4.39 -0.31
N ILE A 120 3.08 -4.92 -0.47
CA ILE A 120 2.16 -5.12 0.66
C ILE A 120 1.65 -6.54 0.61
N GLU A 121 1.66 -7.20 1.77
CA GLU A 121 1.09 -8.53 1.97
C GLU A 121 -0.06 -8.39 2.95
N LEU A 122 -1.27 -8.80 2.54
CA LEU A 122 -2.43 -8.79 3.44
C LEU A 122 -2.44 -10.09 4.20
N LEU A 123 -2.09 -10.03 5.48
CA LEU A 123 -2.00 -11.24 6.32
C LEU A 123 -3.37 -11.72 6.75
N ASP A 124 -4.23 -10.80 7.16
CA ASP A 124 -5.51 -11.15 7.77
C ASP A 124 -6.38 -9.91 7.81
N PHE A 125 -7.68 -10.12 7.89
CA PHE A 125 -8.61 -9.05 8.16
C PHE A 125 -9.74 -9.60 9.02
N LYS A 126 -10.23 -8.79 9.94
CA LYS A 126 -11.32 -9.21 10.76
C LYS A 126 -12.19 -8.04 11.13
N GLY A 127 -13.49 -8.29 11.24
CA GLY A 127 -14.38 -7.31 11.82
C GLY A 127 -14.22 -7.27 13.33
N GLU A 128 -14.50 -6.13 13.95
CA GLU A 128 -14.44 -6.03 15.41
C GLU A 128 -15.84 -6.07 16.02
CBM 0OS B . -0.53 3.51 13.64
CAQ 0OS B . 0.10 4.47 12.86
CBL 0OS B . -1.85 3.12 13.36
CAN 0OS B . -2.53 3.70 12.29
CAM 0OS B . -1.89 4.65 11.51
CBI 0OS B . -0.58 5.06 11.79
CAV 0OS B . 0.09 6.13 10.92
CAY 0OS B . 0.68 5.53 9.63
CBO 0OS B . 1.36 6.60 8.75
CBK 0OS B . 2.65 7.12 9.44
CAP 0OS B . 3.67 6.25 9.86
CAL 0OS B . 2.82 8.48 9.64
CAJ 0OS B . 3.97 8.98 10.26
CAK 0OS B . 4.98 8.12 10.67
CBJ 0OS B . 4.83 6.75 10.47
OBD 0OS B . 1.82 6.01 7.56
C 0OS B . 1.12 5.72 6.44
O 0OS B . -0.04 6.07 6.28
CA 0OS B . 1.86 4.91 5.40
CB 0OS B . 1.06 3.70 5.01
CAT 0OS B . 1.00 2.69 6.16
CAU 0OS B . 2.37 2.22 6.59
CAZ 0OS B . 3.30 3.38 6.90
N 0OS B . 3.19 4.57 6.01
S1 0OS B . 4.49 4.90 5.15
OAE 0OS B . 4.16 5.78 4.09
OAF 0OS B . 5.29 3.73 4.96
CBN 0OS B . 5.47 5.90 6.19
CAR 0OS B . 5.14 7.23 6.38
CBG 0OS B . 5.94 8.05 7.17
CL2 0OS B . 5.48 9.69 7.39
CAO 0OS B . 7.09 7.53 7.78
CBH 0OS B . 7.42 6.19 7.55
CL1 0OS B . 8.84 5.54 8.27
CAS 0OS B . 6.62 5.38 6.75
#